data_8RHI
#
_entry.id   8RHI
#
_cell.length_a   45.248
_cell.length_b   117.036
_cell.length_c   120.146
_cell.angle_alpha   90.000
_cell.angle_beta   90.000
_cell.angle_gamma   90.000
#
_symmetry.space_group_name_H-M   'P 21 21 21'
#
loop_
_entity.id
_entity.type
_entity.pdbx_description
1 polymer 'LysM peptidoglycan-binding domain-containing protein'
2 branched 2-acetamido-2-deoxy-beta-D-glucopyranose-(1-4)-2-acetamido-2-deoxy-beta-D-glucopyranose
3 branched 2-acetamido-2-deoxy-beta-D-glucopyranose-(1-4)-2-acetamido-2-deoxy-beta-D-glucopyranose-(1-4)-2-acetamido-2-deoxy-beta-D-glucopyranose-(1-4)-2-acetamido-2-deoxy-beta-D-glucopyranose
4 non-polymer 4-O-(4-O-SULFONYL-N-ACETYLGLUCOSAMININYL)-5-METHYLHYDROXY-L-PROLINE-TAURINE
5 non-polymer 'ZINC ION'
6 water water
#
_entity_poly.entity_id   1
_entity_poly.type   'polypeptide(L)'
_entity_poly.pdbx_seq_one_letter_code
;MGSSHHHHHHSSGENLYFQGIWDRMRDGFQLQDAISTNPRIERQRLWFLSNQSFLEQSSARGSLYMHYVVERLEERNMPL
ELALLPVIESAYNPFALSRSNAAGLWQFIPATGQHFNLRQTNFYDGRRDITASTNAALTYLERLHDMFNGDWMLALAAYN
AGEGTVSRAIERNEKLGLPTDYWNLPLPQETQDYVPKLLALSQIVMAPDSYGISLNPINNEPYFQAVRVKRGIDLSSVAA
LANLDEDELYQLNPAYKRRVTMDGPQQLLVPMEKAAFLTASLDTLKPKEVTAWQQYRVRSGDSLHSIANRYRITVAELKS
ANRLSSNHLRKGQQLSIP
;
_entity_poly.pdbx_strand_id   A,B
#
loop_
_chem_comp.id
_chem_comp.type
_chem_comp.name
_chem_comp.formula
BLG non-polymer 4-O-(4-O-SULFONYL-N-ACETYLGLUCOSAMININYL)-5-METHYLHYDROXY-L-PROLINE-TAURINE 'C16 H30 N3 O14 S2 1'
NAG D-saccharide, beta linking 2-acetamido-2-deoxy-beta-D-glucopyranose 'C8 H15 N O6'
ZN non-polymer 'ZINC ION' 'Zn 2'
#
# COMPACT_ATOMS: atom_id res chain seq x y z
N HIS A 8 14.00 4.82 8.31
CA HIS A 8 13.51 6.00 7.55
C HIS A 8 14.46 6.25 6.37
N HIS A 9 14.47 5.30 5.43
CA HIS A 9 14.95 5.53 4.08
C HIS A 9 13.74 5.45 3.17
N HIS A 10 13.12 6.61 2.91
CA HIS A 10 11.95 6.68 2.04
C HIS A 10 12.44 6.99 0.63
N SER A 11 12.00 6.19 -0.36
CA SER A 11 12.47 6.34 -1.74
C SER A 11 11.51 7.19 -2.56
N SER A 12 10.19 7.00 -2.39
CA SER A 12 9.18 7.85 -2.98
C SER A 12 9.36 8.01 -4.49
N GLY A 13 9.77 6.91 -5.15
CA GLY A 13 9.64 6.80 -6.60
C GLY A 13 10.93 7.09 -7.36
N GLU A 14 12.05 7.29 -6.65
CA GLU A 14 13.34 7.49 -7.30
C GLU A 14 13.99 6.13 -7.62
N ASN A 15 13.43 5.05 -7.09
CA ASN A 15 14.01 3.72 -7.24
C ASN A 15 13.76 3.17 -8.65
N LEU A 16 12.99 3.92 -9.46
CA LEU A 16 12.89 3.65 -10.89
C LEU A 16 14.27 3.64 -11.56
N TYR A 17 15.23 4.39 -11.02
CA TYR A 17 16.55 4.53 -11.62
C TYR A 17 17.41 3.27 -11.50
N PHE A 18 17.09 2.36 -10.56
CA PHE A 18 17.86 1.14 -10.40
C PHE A 18 17.78 0.28 -11.67
N GLN A 19 18.89 -0.37 -12.00
CA GLN A 19 18.99 -1.16 -13.21
C GLN A 19 18.24 -2.47 -13.02
N GLY A 20 18.54 -3.18 -11.92
CA GLY A 20 17.95 -4.47 -11.64
C GLY A 20 17.16 -4.49 -10.33
N ILE A 21 16.35 -5.53 -10.17
CA ILE A 21 15.43 -5.60 -9.04
C ILE A 21 16.20 -5.93 -7.76
N TRP A 22 17.33 -6.64 -7.86
CA TRP A 22 18.08 -7.02 -6.67
C TRP A 22 18.66 -5.79 -5.98
N ASP A 23 19.23 -4.87 -6.76
CA ASP A 23 19.73 -3.60 -6.23
C ASP A 23 18.58 -2.80 -5.61
N ARG A 24 17.43 -2.76 -6.28
CA ARG A 24 16.31 -2.00 -5.77
C ARG A 24 15.84 -2.57 -4.43
N MET A 25 15.76 -3.88 -4.35
CA MET A 25 15.39 -4.58 -3.12
C MET A 25 16.39 -4.24 -2.01
N ARG A 26 17.69 -4.37 -2.31
CA ARG A 26 18.74 -4.10 -1.33
C ARG A 26 18.60 -2.70 -0.74
N ASP A 27 18.18 -1.73 -1.57
CA ASP A 27 18.03 -0.34 -1.16
C ASP A 27 17.13 -0.23 0.06
N GLY A 28 16.09 -1.07 0.12
CA GLY A 28 15.10 -0.98 1.18
C GLY A 28 15.26 -2.01 2.29
N PHE A 29 16.39 -2.73 2.34
CA PHE A 29 16.63 -3.68 3.41
C PHE A 29 16.76 -2.94 4.74
N GLN A 30 16.04 -3.42 5.77
CA GLN A 30 15.99 -2.76 7.06
C GLN A 30 16.45 -3.67 8.21
N LEU A 31 16.71 -4.96 7.96
CA LEU A 31 16.94 -5.91 9.03
C LEU A 31 18.41 -6.32 9.11
N GLN A 32 19.29 -5.74 8.29
CA GLN A 32 20.68 -6.20 8.21
C GLN A 32 21.46 -5.66 9.41
N ASP A 33 21.22 -4.39 9.76
CA ASP A 33 21.94 -3.72 10.83
C ASP A 33 21.97 -4.58 12.09
N ALA A 34 20.84 -5.17 12.45
CA ALA A 34 20.65 -5.76 13.77
C ALA A 34 20.74 -7.29 13.75
N ILE A 35 21.21 -7.89 12.65
CA ILE A 35 21.32 -9.33 12.56
C ILE A 35 22.40 -9.80 13.52
N SER A 36 21.99 -10.58 14.54
CA SER A 36 22.92 -11.26 15.42
C SER A 36 23.68 -12.31 14.63
N THR A 37 24.73 -12.88 15.24
CA THR A 37 25.45 -13.99 14.64
C THR A 37 25.07 -15.27 15.38
N ASN A 38 23.77 -15.42 15.67
CA ASN A 38 23.22 -16.65 16.22
C ASN A 38 23.59 -17.78 15.26
N PRO A 39 24.13 -18.93 15.76
CA PRO A 39 24.41 -20.08 14.89
C PRO A 39 23.22 -20.61 14.07
N ARG A 40 21.99 -20.31 14.51
CA ARG A 40 20.82 -20.75 13.77
C ARG A 40 20.77 -20.10 12.39
N ILE A 41 21.31 -18.88 12.27
CA ILE A 41 21.33 -18.18 10.99
C ILE A 41 22.37 -18.83 10.07
N GLU A 42 23.58 -19.07 10.60
CA GLU A 42 24.65 -19.74 9.86
C GLU A 42 24.16 -21.08 9.31
N ARG A 43 23.39 -21.81 10.13
CA ARG A 43 22.83 -23.10 9.77
C ARG A 43 21.93 -22.97 8.54
N GLN A 44 21.12 -21.90 8.48
CA GLN A 44 20.22 -21.72 7.36
C GLN A 44 21.00 -21.26 6.13
N ARG A 45 22.05 -20.46 6.35
CA ARG A 45 22.89 -19.97 5.27
C ARG A 45 23.53 -21.13 4.52
N LEU A 46 24.04 -22.12 5.27
CA LEU A 46 24.64 -23.31 4.67
C LEU A 46 23.61 -24.08 3.85
N TRP A 47 22.36 -24.13 4.33
CA TRP A 47 21.32 -24.83 3.59
C TRP A 47 21.14 -24.24 2.19
N PHE A 48 21.14 -22.90 2.09
CA PHE A 48 20.95 -22.23 0.81
C PHE A 48 22.16 -22.49 -0.11
N LEU A 49 23.38 -22.48 0.45
CA LEU A 49 24.58 -22.70 -0.35
C LEU A 49 24.61 -24.12 -0.91
N SER A 50 24.14 -25.11 -0.13
CA SER A 50 24.21 -26.50 -0.52
C SER A 50 22.96 -26.90 -1.31
N ASN A 51 21.99 -26.00 -1.44
CA ASN A 51 20.82 -26.22 -2.28
C ASN A 51 20.61 -25.00 -3.16
N GLN A 52 21.57 -24.75 -4.06
CA GLN A 52 21.66 -23.50 -4.78
C GLN A 52 20.55 -23.39 -5.84
N SER A 53 20.02 -24.53 -6.30
CA SER A 53 19.02 -24.52 -7.35
C SER A 53 17.69 -24.00 -6.81
N PHE A 54 17.50 -24.10 -5.48
CA PHE A 54 16.31 -23.60 -4.83
C PHE A 54 16.13 -22.10 -5.11
N LEU A 55 17.17 -21.29 -4.85
CA LEU A 55 17.08 -19.86 -5.03
C LEU A 55 16.98 -19.54 -6.53
N GLU A 56 17.70 -20.29 -7.36
CA GLU A 56 17.68 -20.04 -8.80
C GLU A 56 16.27 -20.28 -9.37
N GLN A 57 15.63 -21.39 -8.98
CA GLN A 57 14.30 -21.70 -9.48
C GLN A 57 13.30 -20.69 -8.94
N SER A 58 13.41 -20.35 -7.65
CA SER A 58 12.52 -19.37 -7.01
C SER A 58 12.64 -18.02 -7.70
N SER A 59 13.87 -17.65 -8.09
CA SER A 59 14.14 -16.37 -8.74
C SER A 59 13.52 -16.30 -10.12
N ALA A 60 13.62 -17.39 -10.88
CA ALA A 60 13.11 -17.45 -12.23
C ALA A 60 11.58 -17.34 -12.22
N ARG A 61 10.92 -18.05 -11.29
CA ARG A 61 9.47 -17.87 -11.09
C ARG A 61 9.19 -16.48 -10.54
N GLY A 62 10.01 -16.06 -9.57
CA GLY A 62 9.82 -14.78 -8.90
C GLY A 62 9.88 -13.58 -9.84
N SER A 63 10.57 -13.74 -10.98
CA SER A 63 10.72 -12.67 -11.93
C SER A 63 9.38 -12.15 -12.43
N LEU A 64 8.32 -12.98 -12.36
CA LEU A 64 6.98 -12.56 -12.78
C LEU A 64 6.38 -11.59 -11.77
N TYR A 65 6.76 -11.70 -10.49
CA TYR A 65 5.99 -11.13 -9.39
C TYR A 65 6.78 -10.11 -8.57
N MET A 66 8.12 -10.15 -8.63
CA MET A 66 8.95 -9.50 -7.62
C MET A 66 8.85 -7.98 -7.73
N HIS A 67 8.75 -7.46 -8.96
CA HIS A 67 8.65 -6.02 -9.15
C HIS A 67 7.43 -5.48 -8.41
N TYR A 68 6.30 -6.19 -8.53
CA TYR A 68 5.07 -5.77 -7.90
C TYR A 68 5.22 -5.79 -6.37
N VAL A 69 5.79 -6.88 -5.85
CA VAL A 69 5.96 -7.04 -4.42
C VAL A 69 6.87 -5.92 -3.89
N VAL A 70 7.97 -5.68 -4.58
CA VAL A 70 8.94 -4.66 -4.19
C VAL A 70 8.27 -3.28 -4.11
N GLU A 71 7.47 -2.93 -5.11
CA GLU A 71 6.84 -1.62 -5.13
C GLU A 71 5.84 -1.47 -3.99
N ARG A 72 5.12 -2.54 -3.64
CA ARG A 72 4.15 -2.47 -2.56
C ARG A 72 4.88 -2.23 -1.23
N LEU A 73 6.00 -2.94 -1.02
CA LEU A 73 6.77 -2.80 0.21
C LEU A 73 7.34 -1.39 0.35
N GLU A 74 7.86 -0.84 -0.76
CA GLU A 74 8.42 0.51 -0.76
C GLU A 74 7.38 1.53 -0.33
N GLU A 75 6.17 1.46 -0.91
CA GLU A 75 5.12 2.42 -0.67
C GLU A 75 4.75 2.47 0.82
N ARG A 76 4.90 1.33 1.50
CA ARG A 76 4.52 1.20 2.90
C ARG A 76 5.71 1.38 3.83
N ASN A 77 6.90 1.60 3.27
CA ASN A 77 8.13 1.70 4.03
C ASN A 77 8.37 0.44 4.88
N MET A 78 8.00 -0.73 4.34
CA MET A 78 8.22 -1.97 5.04
C MET A 78 9.57 -2.57 4.61
N PRO A 79 10.20 -3.43 5.44
CA PRO A 79 11.50 -4.03 5.09
C PRO A 79 11.46 -4.78 3.77
N LEU A 80 12.39 -4.49 2.86
CA LEU A 80 12.40 -5.14 1.57
C LEU A 80 12.85 -6.59 1.66
N GLU A 81 13.38 -7.01 2.81
CA GLU A 81 13.66 -8.42 3.02
C GLU A 81 12.39 -9.24 2.83
N LEU A 82 11.21 -8.63 3.05
CA LEU A 82 9.95 -9.34 2.93
C LEU A 82 9.65 -9.72 1.48
N ALA A 83 10.34 -9.11 0.51
CA ALA A 83 10.22 -9.51 -0.88
C ALA A 83 10.79 -10.92 -1.10
N LEU A 84 11.59 -11.39 -0.13
CA LEU A 84 12.12 -12.75 -0.15
C LEU A 84 11.23 -13.72 0.61
N LEU A 85 10.19 -13.24 1.30
CA LEU A 85 9.38 -14.13 2.13
C LEU A 85 8.71 -15.20 1.27
N PRO A 86 8.20 -14.90 0.05
CA PRO A 86 7.64 -15.95 -0.80
C PRO A 86 8.64 -17.00 -1.23
N VAL A 87 9.95 -16.67 -1.26
CA VAL A 87 10.96 -17.67 -1.55
C VAL A 87 10.86 -18.79 -0.51
N ILE A 88 10.85 -18.43 0.78
CA ILE A 88 10.86 -19.46 1.82
C ILE A 88 9.45 -20.04 2.01
N GLU A 89 8.40 -19.28 1.71
CA GLU A 89 7.04 -19.75 1.90
C GLU A 89 6.62 -20.73 0.78
N SER A 90 6.92 -20.38 -0.47
CA SER A 90 6.34 -21.08 -1.61
C SER A 90 7.32 -21.28 -2.77
N ALA A 91 8.59 -20.88 -2.61
CA ALA A 91 9.53 -20.82 -3.73
C ALA A 91 8.95 -19.98 -4.87
N TYR A 92 8.18 -18.94 -4.52
CA TYR A 92 7.53 -18.07 -5.48
C TYR A 92 6.64 -18.87 -6.45
N ASN A 93 6.11 -20.00 -5.97
CA ASN A 93 5.15 -20.79 -6.73
C ASN A 93 3.77 -20.53 -6.14
N PRO A 94 2.90 -19.77 -6.86
CA PRO A 94 1.59 -19.43 -6.31
C PRO A 94 0.61 -20.60 -6.24
N PHE A 95 0.97 -21.74 -6.85
CA PHE A 95 0.16 -22.95 -6.78
C PHE A 95 0.55 -23.80 -5.57
N ALA A 96 1.56 -23.39 -4.81
CA ALA A 96 2.04 -24.17 -3.68
C ALA A 96 0.92 -24.32 -2.64
N LEU A 97 0.79 -25.53 -2.09
CA LEU A 97 -0.24 -25.80 -1.09
C LEU A 97 0.36 -26.72 -0.03
N SER A 98 0.47 -26.22 1.20
CA SER A 98 1.01 -27.00 2.30
C SER A 98 -0.02 -28.03 2.77
N ARG A 99 0.44 -28.93 3.65
CA ARG A 99 -0.44 -29.93 4.25
C ARG A 99 -1.38 -29.30 5.27
N SER A 100 -1.12 -28.04 5.69
CA SER A 100 -2.06 -27.28 6.50
C SER A 100 -2.98 -26.46 5.61
N ASN A 101 -2.93 -26.69 4.29
CA ASN A 101 -3.71 -25.98 3.31
C ASN A 101 -3.34 -24.49 3.24
N ALA A 102 -2.08 -24.17 3.51
CA ALA A 102 -1.56 -22.83 3.26
C ALA A 102 -1.34 -22.67 1.77
N ALA A 103 -1.87 -21.58 1.18
CA ALA A 103 -1.97 -21.43 -0.26
C ALA A 103 -1.35 -20.11 -0.73
N GLY A 104 -0.84 -20.13 -1.97
CA GLY A 104 -0.36 -18.95 -2.66
C GLY A 104 1.07 -18.59 -2.29
N LEU A 105 1.59 -17.52 -2.91
CA LEU A 105 2.94 -17.03 -2.66
C LEU A 105 3.19 -16.82 -1.17
N TRP A 106 2.15 -16.35 -0.46
CA TRP A 106 2.28 -15.90 0.92
C TRP A 106 1.76 -16.94 1.91
N GLN A 107 1.23 -18.07 1.39
CA GLN A 107 0.87 -19.23 2.20
C GLN A 107 -0.13 -18.87 3.28
N PHE A 108 -1.27 -18.32 2.85
CA PHE A 108 -2.40 -18.09 3.73
C PHE A 108 -3.14 -19.41 3.97
N ILE A 109 -3.41 -19.73 5.25
CA ILE A 109 -4.30 -20.85 5.56
C ILE A 109 -5.73 -20.39 5.35
N PRO A 110 -6.71 -21.31 5.18
CA PRO A 110 -8.07 -20.92 4.82
C PRO A 110 -8.69 -19.87 5.74
N ALA A 111 -8.59 -20.05 7.06
CA ALA A 111 -9.25 -19.15 8.01
C ALA A 111 -8.63 -17.76 7.98
N THR A 112 -7.30 -17.66 7.90
CA THR A 112 -6.63 -16.37 7.81
C THR A 112 -6.97 -15.70 6.48
N GLY A 113 -6.96 -16.49 5.39
CA GLY A 113 -7.39 -16.00 4.09
C GLY A 113 -8.80 -15.39 4.16
N GLN A 114 -9.72 -16.14 4.79
CA GLN A 114 -11.08 -15.72 4.97
C GLN A 114 -11.14 -14.39 5.72
N HIS A 115 -10.34 -14.27 6.80
CA HIS A 115 -10.30 -13.05 7.58
C HIS A 115 -9.99 -11.85 6.68
N PHE A 116 -9.09 -12.02 5.71
CA PHE A 116 -8.68 -10.96 4.80
C PHE A 116 -9.56 -10.90 3.56
N ASN A 117 -10.69 -11.61 3.59
N ASN A 117 -10.70 -11.61 3.59
CA ASN A 117 -11.65 -11.60 2.49
CA ASN A 117 -11.65 -11.62 2.50
C ASN A 117 -10.97 -12.08 1.20
C ASN A 117 -10.97 -12.08 1.20
N LEU A 118 -10.06 -13.06 1.31
CA LEU A 118 -9.53 -13.74 0.14
C LEU A 118 -10.45 -14.92 -0.14
N ARG A 119 -11.36 -14.74 -1.10
CA ARG A 119 -12.49 -15.63 -1.34
C ARG A 119 -11.99 -16.99 -1.83
N GLN A 120 -12.67 -18.05 -1.39
CA GLN A 120 -12.31 -19.42 -1.70
C GLN A 120 -13.55 -20.15 -2.21
N THR A 121 -13.64 -20.32 -3.54
CA THR A 121 -14.71 -21.10 -4.14
C THR A 121 -14.09 -22.34 -4.76
N ASN A 122 -14.87 -23.10 -5.53
CA ASN A 122 -14.35 -24.28 -6.20
C ASN A 122 -13.55 -23.89 -7.43
N PHE A 123 -13.67 -22.63 -7.91
CA PHE A 123 -12.99 -22.21 -9.12
C PHE A 123 -12.07 -20.99 -8.90
N TYR A 124 -12.18 -20.32 -7.75
CA TYR A 124 -11.37 -19.14 -7.50
C TYR A 124 -10.85 -19.18 -6.07
N ASP A 125 -9.53 -18.96 -5.92
CA ASP A 125 -8.92 -18.89 -4.61
C ASP A 125 -8.10 -17.60 -4.52
N GLY A 126 -8.68 -16.60 -3.86
CA GLY A 126 -8.07 -15.29 -3.69
C GLY A 126 -6.70 -15.33 -3.01
N ARG A 127 -6.40 -16.43 -2.30
CA ARG A 127 -5.10 -16.57 -1.67
C ARG A 127 -3.99 -16.73 -2.71
N ARG A 128 -4.33 -17.21 -3.92
CA ARG A 128 -3.35 -17.39 -4.98
C ARG A 128 -3.23 -16.11 -5.83
N ASP A 129 -4.27 -15.29 -5.83
CA ASP A 129 -4.32 -14.03 -6.57
C ASP A 129 -3.14 -13.18 -6.14
N ILE A 130 -2.30 -12.78 -7.11
CA ILE A 130 -1.02 -12.13 -6.84
C ILE A 130 -1.25 -10.82 -6.07
N THR A 131 -2.11 -9.96 -6.60
CA THR A 131 -2.26 -8.61 -6.04
C THR A 131 -3.02 -8.66 -4.71
N ALA A 132 -4.13 -9.41 -4.68
CA ALA A 132 -4.94 -9.52 -3.46
C ALA A 132 -4.15 -10.15 -2.33
N SER A 133 -3.44 -11.27 -2.59
CA SER A 133 -2.70 -11.95 -1.55
C SER A 133 -1.55 -11.10 -1.04
N THR A 134 -0.86 -10.39 -1.95
CA THR A 134 0.29 -9.59 -1.56
C THR A 134 -0.14 -8.48 -0.60
N ASN A 135 -1.20 -7.75 -0.95
CA ASN A 135 -1.66 -6.63 -0.15
C ASN A 135 -2.16 -7.11 1.21
N ALA A 136 -2.83 -8.27 1.23
CA ALA A 136 -3.28 -8.87 2.48
C ALA A 136 -2.11 -9.28 3.36
N ALA A 137 -1.08 -9.88 2.75
CA ALA A 137 0.07 -10.36 3.50
C ALA A 137 0.82 -9.19 4.15
N LEU A 138 1.02 -8.11 3.38
CA LEU A 138 1.72 -6.94 3.90
C LEU A 138 0.91 -6.29 5.01
N THR A 139 -0.41 -6.24 4.87
CA THR A 139 -1.29 -5.70 5.91
C THR A 139 -1.19 -6.56 7.17
N TYR A 140 -1.20 -7.89 7.03
CA TYR A 140 -1.10 -8.79 8.15
C TYR A 140 0.24 -8.59 8.86
N LEU A 141 1.32 -8.59 8.08
CA LEU A 141 2.65 -8.40 8.61
C LEU A 141 2.78 -7.08 9.37
N GLU A 142 2.23 -5.99 8.82
CA GLU A 142 2.26 -4.69 9.46
C GLU A 142 1.53 -4.75 10.81
N ARG A 143 0.36 -5.37 10.81
CA ARG A 143 -0.46 -5.52 12.01
C ARG A 143 0.31 -6.32 13.08
N LEU A 144 0.96 -7.41 12.67
CA LEU A 144 1.71 -8.24 13.60
C LEU A 144 2.88 -7.45 14.18
N HIS A 145 3.57 -6.70 13.32
CA HIS A 145 4.67 -5.84 13.77
C HIS A 145 4.16 -4.85 14.81
N ASP A 146 2.97 -4.29 14.58
CA ASP A 146 2.39 -3.34 15.52
C ASP A 146 2.04 -4.02 16.85
N MET A 147 1.56 -5.26 16.78
CA MET A 147 1.17 -5.99 17.97
C MET A 147 2.38 -6.33 18.84
N PHE A 148 3.57 -6.47 18.24
CA PHE A 148 4.77 -6.83 18.98
C PHE A 148 5.71 -5.64 19.06
N ASN A 149 5.14 -4.44 19.24
CA ASN A 149 5.87 -3.23 19.55
C ASN A 149 7.01 -2.99 18.54
N GLY A 150 6.73 -3.24 17.25
CA GLY A 150 7.64 -2.87 16.18
C GLY A 150 8.73 -3.92 15.90
N ASP A 151 8.64 -5.10 16.54
CA ASP A 151 9.69 -6.11 16.42
C ASP A 151 9.36 -7.05 15.25
N TRP A 152 10.18 -6.97 14.19
CA TRP A 152 9.93 -7.73 12.97
C TRP A 152 10.20 -9.22 13.15
N MET A 153 11.10 -9.58 14.07
CA MET A 153 11.40 -10.97 14.36
C MET A 153 10.14 -11.66 14.91
N LEU A 154 9.49 -11.01 15.88
CA LEU A 154 8.29 -11.56 16.51
C LEU A 154 7.13 -11.55 15.51
N ALA A 155 7.05 -10.51 14.69
CA ALA A 155 6.02 -10.40 13.68
C ALA A 155 6.10 -11.58 12.70
N LEU A 156 7.32 -11.87 12.21
CA LEU A 156 7.52 -12.98 11.30
C LEU A 156 7.18 -14.31 11.99
N ALA A 157 7.61 -14.46 13.25
CA ALA A 157 7.31 -15.65 14.02
C ALA A 157 5.79 -15.84 14.11
N ALA A 158 5.07 -14.74 14.39
CA ALA A 158 3.62 -14.77 14.51
C ALA A 158 2.95 -15.06 13.17
N TYR A 159 3.52 -14.55 12.06
CA TYR A 159 2.97 -14.83 10.74
C TYR A 159 2.94 -16.34 10.49
N ASN A 160 4.00 -17.03 10.94
CA ASN A 160 4.18 -18.45 10.72
C ASN A 160 3.43 -19.27 11.77
N ALA A 161 3.53 -18.89 13.05
CA ALA A 161 3.03 -19.72 14.15
C ALA A 161 1.68 -19.23 14.66
N GLY A 162 1.32 -17.97 14.37
CA GLY A 162 0.14 -17.36 14.94
C GLY A 162 0.48 -16.46 16.14
N GLU A 163 -0.24 -15.36 16.24
CA GLU A 163 -0.04 -14.35 17.29
C GLU A 163 -0.23 -14.98 18.68
N GLY A 164 -1.23 -15.86 18.80
CA GLY A 164 -1.51 -16.55 20.05
C GLY A 164 -0.32 -17.37 20.55
N THR A 165 0.25 -18.17 19.65
CA THR A 165 1.36 -19.04 19.98
C THR A 165 2.54 -18.20 20.48
N VAL A 166 2.86 -17.12 19.76
CA VAL A 166 4.00 -16.27 20.12
C VAL A 166 3.73 -15.59 21.46
N SER A 167 2.52 -15.02 21.64
CA SER A 167 2.16 -14.36 22.89
C SER A 167 2.26 -15.31 24.09
N ARG A 168 1.80 -16.55 23.91
CA ARG A 168 1.85 -17.57 24.94
C ARG A 168 3.29 -17.97 25.24
N ALA A 169 4.17 -17.94 24.22
CA ALA A 169 5.57 -18.26 24.43
C ALA A 169 6.24 -17.14 25.23
N ILE A 170 5.87 -15.89 24.91
CA ILE A 170 6.39 -14.74 25.64
C ILE A 170 6.00 -14.82 27.10
N GLU A 171 4.72 -15.09 27.38
CA GLU A 171 4.23 -15.12 28.75
C GLU A 171 4.87 -16.26 29.53
N ARG A 172 5.09 -17.41 28.89
CA ARG A 172 5.77 -18.53 29.51
C ARG A 172 7.18 -18.13 29.95
N ASN A 173 7.90 -17.41 29.07
CA ASN A 173 9.27 -17.01 29.38
C ASN A 173 9.28 -15.95 30.49
N GLU A 174 8.28 -15.06 30.50
CA GLU A 174 8.18 -14.04 31.53
C GLU A 174 8.07 -14.69 32.90
N LYS A 175 7.22 -15.72 33.01
CA LYS A 175 6.95 -16.39 34.26
C LYS A 175 8.20 -17.12 34.75
N LEU A 176 8.99 -17.69 33.81
CA LEU A 176 10.21 -18.40 34.16
C LEU A 176 11.34 -17.42 34.47
N GLY A 177 11.21 -16.17 34.00
CA GLY A 177 12.31 -15.21 34.10
C GLY A 177 13.36 -15.43 33.01
N LEU A 178 12.92 -15.85 31.82
CA LEU A 178 13.76 -15.89 30.64
C LEU A 178 13.53 -14.62 29.81
N PRO A 179 14.51 -14.16 29.00
CA PRO A 179 14.27 -13.07 28.07
C PRO A 179 13.20 -13.48 27.05
N THR A 180 12.53 -12.48 26.47
CA THR A 180 11.32 -12.70 25.69
C THR A 180 11.51 -12.26 24.23
N ASP A 181 12.76 -12.03 23.82
CA ASP A 181 13.08 -11.81 22.42
C ASP A 181 12.87 -13.10 21.65
N TYR A 182 12.64 -12.98 20.33
CA TYR A 182 12.34 -14.11 19.46
C TYR A 182 13.28 -15.29 19.71
N TRP A 183 14.60 -15.02 19.78
CA TRP A 183 15.62 -16.07 19.77
C TRP A 183 15.50 -17.00 20.98
N ASN A 184 14.90 -16.50 22.07
CA ASN A 184 14.80 -17.25 23.32
C ASN A 184 13.43 -17.89 23.50
N LEU A 185 12.51 -17.72 22.54
CA LEU A 185 11.17 -18.27 22.70
C LEU A 185 11.14 -19.75 22.36
N PRO A 186 10.43 -20.57 23.16
CA PRO A 186 10.23 -21.99 22.85
C PRO A 186 9.09 -22.20 21.85
N LEU A 187 9.40 -21.96 20.56
CA LEU A 187 8.41 -22.05 19.51
C LEU A 187 8.54 -23.40 18.81
N PRO A 188 7.52 -23.83 18.04
CA PRO A 188 7.66 -25.03 17.20
C PRO A 188 8.85 -24.91 16.25
N GLN A 189 9.41 -26.06 15.86
CA GLN A 189 10.66 -26.08 15.11
C GLN A 189 10.54 -25.29 13.80
N GLU A 190 9.39 -25.39 13.12
CA GLU A 190 9.18 -24.68 11.87
C GLU A 190 9.44 -23.18 12.05
N THR A 191 8.89 -22.63 13.15
CA THR A 191 8.98 -21.22 13.46
C THR A 191 10.38 -20.86 13.97
N GLN A 192 11.06 -21.82 14.63
CA GLN A 192 12.45 -21.65 15.03
C GLN A 192 13.34 -21.44 13.81
N ASP A 193 13.01 -22.12 12.71
CA ASP A 193 13.82 -22.08 11.50
C ASP A 193 13.41 -20.90 10.61
N TYR A 194 12.15 -20.47 10.75
CA TYR A 194 11.53 -19.55 9.80
C TYR A 194 12.30 -18.24 9.70
N VAL A 195 12.54 -17.60 10.85
CA VAL A 195 13.15 -16.29 10.90
C VAL A 195 14.61 -16.35 10.46
N PRO A 196 15.46 -17.25 11.00
CA PRO A 196 16.85 -17.35 10.52
C PRO A 196 16.95 -17.66 9.03
N LYS A 197 15.97 -18.41 8.51
CA LYS A 197 15.91 -18.72 7.08
C LYS A 197 15.81 -17.43 6.26
N LEU A 198 14.88 -16.55 6.64
CA LEU A 198 14.72 -15.27 5.94
C LEU A 198 15.97 -14.42 6.11
N LEU A 199 16.53 -14.37 7.31
CA LEU A 199 17.71 -13.53 7.55
C LEU A 199 18.90 -14.04 6.74
N ALA A 200 19.12 -15.37 6.75
CA ALA A 200 20.23 -15.96 6.02
C ALA A 200 20.10 -15.64 4.53
N LEU A 201 18.89 -15.82 3.98
CA LEU A 201 18.66 -15.58 2.57
C LEU A 201 18.92 -14.12 2.21
N SER A 202 18.52 -13.20 3.10
CA SER A 202 18.70 -11.77 2.84
C SER A 202 20.18 -11.39 2.86
N GLN A 203 20.97 -12.05 3.72
CA GLN A 203 22.41 -11.84 3.75
C GLN A 203 23.04 -12.25 2.42
N ILE A 204 22.60 -13.38 1.88
CA ILE A 204 23.09 -13.87 0.60
C ILE A 204 22.69 -12.91 -0.51
N VAL A 205 21.44 -12.45 -0.51
CA VAL A 205 20.96 -11.55 -1.54
C VAL A 205 21.70 -10.22 -1.42
N MET A 206 22.06 -9.82 -0.19
CA MET A 206 22.73 -8.55 0.00
C MET A 206 24.13 -8.58 -0.63
N ALA A 207 24.83 -9.72 -0.52
CA ALA A 207 26.21 -9.82 -1.02
C ALA A 207 26.48 -11.21 -1.59
N PRO A 208 25.92 -11.57 -2.76
CA PRO A 208 25.98 -12.96 -3.24
C PRO A 208 27.40 -13.40 -3.59
N ASP A 209 28.20 -12.48 -4.14
CA ASP A 209 29.62 -12.71 -4.41
C ASP A 209 30.32 -13.31 -3.19
N SER A 210 30.00 -12.78 -2.00
CA SER A 210 30.66 -13.18 -0.77
C SER A 210 30.37 -14.63 -0.36
N TYR A 211 29.39 -15.28 -1.01
CA TYR A 211 29.03 -16.66 -0.76
C TYR A 211 29.27 -17.53 -2.00
N GLY A 212 29.87 -16.95 -3.05
CA GLY A 212 30.13 -17.65 -4.29
C GLY A 212 28.85 -17.92 -5.09
N ILE A 213 27.85 -17.05 -4.92
CA ILE A 213 26.53 -17.20 -5.55
C ILE A 213 26.39 -16.12 -6.61
N SER A 214 25.71 -16.45 -7.72
CA SER A 214 25.32 -15.49 -8.72
C SER A 214 23.80 -15.50 -8.86
N LEU A 215 23.15 -14.33 -8.74
CA LEU A 215 21.69 -14.25 -8.83
C LEU A 215 21.29 -14.09 -10.29
N ASN A 216 20.17 -14.71 -10.68
CA ASN A 216 19.57 -14.49 -11.98
C ASN A 216 19.29 -12.99 -12.15
N PRO A 217 19.85 -12.33 -13.18
CA PRO A 217 19.47 -10.94 -13.47
C PRO A 217 17.97 -10.81 -13.72
N ILE A 218 17.35 -9.86 -13.02
CA ILE A 218 15.95 -9.50 -13.22
C ILE A 218 15.88 -7.99 -13.37
N ASN A 219 15.26 -7.53 -14.47
CA ASN A 219 15.21 -6.10 -14.77
C ASN A 219 14.28 -5.39 -13.79
N ASN A 220 14.56 -4.11 -13.57
CA ASN A 220 13.75 -3.25 -12.73
C ASN A 220 12.67 -2.60 -13.58
N GLU A 221 11.74 -3.43 -14.06
CA GLU A 221 10.61 -2.97 -14.86
C GLU A 221 9.40 -3.85 -14.52
N PRO A 222 8.16 -3.35 -14.65
CA PRO A 222 6.98 -4.17 -14.40
C PRO A 222 6.93 -5.32 -15.40
N TYR A 223 6.53 -6.49 -14.93
CA TYR A 223 6.34 -7.65 -15.78
C TYR A 223 4.91 -7.68 -16.31
N PHE A 224 3.96 -7.24 -15.49
CA PHE A 224 2.55 -7.35 -15.85
C PHE A 224 1.83 -6.03 -15.61
N GLN A 225 0.63 -5.95 -16.17
CA GLN A 225 -0.30 -4.87 -15.92
C GLN A 225 -1.68 -5.47 -15.73
N ALA A 226 -2.46 -4.90 -14.82
CA ALA A 226 -3.85 -5.30 -14.65
C ALA A 226 -4.68 -4.68 -15.77
N VAL A 227 -5.57 -5.50 -16.32
CA VAL A 227 -6.50 -5.07 -17.36
C VAL A 227 -7.91 -5.44 -16.91
N ARG A 228 -8.82 -4.48 -17.00
CA ARG A 228 -10.23 -4.69 -16.70
C ARG A 228 -10.86 -5.47 -17.86
N VAL A 229 -11.66 -6.49 -17.53
CA VAL A 229 -12.23 -7.38 -18.53
C VAL A 229 -13.72 -7.57 -18.27
N LYS A 230 -14.34 -8.43 -19.09
CA LYS A 230 -15.75 -8.75 -18.98
C LYS A 230 -15.92 -10.11 -18.30
N ARG A 231 -17.16 -10.51 -18.05
CA ARG A 231 -17.46 -11.63 -17.17
C ARG A 231 -17.07 -12.96 -17.82
N GLY A 232 -17.54 -13.17 -19.05
CA GLY A 232 -17.44 -14.49 -19.68
C GLY A 232 -16.21 -14.66 -20.58
N ILE A 233 -15.11 -13.95 -20.30
CA ILE A 233 -13.91 -14.03 -21.12
C ILE A 233 -12.94 -15.05 -20.51
N ASP A 234 -12.63 -16.08 -21.29
CA ASP A 234 -11.75 -17.15 -20.84
C ASP A 234 -10.30 -16.75 -21.12
N LEU A 235 -9.37 -17.33 -20.34
CA LEU A 235 -7.95 -17.16 -20.52
C LEU A 235 -7.54 -17.60 -21.92
N SER A 236 -8.19 -18.66 -22.43
CA SER A 236 -7.94 -19.17 -23.77
C SER A 236 -8.18 -18.07 -24.81
N SER A 237 -9.29 -17.35 -24.61
CA SER A 237 -9.73 -16.32 -25.55
C SER A 237 -8.75 -15.15 -25.54
N VAL A 238 -8.29 -14.77 -24.33
CA VAL A 238 -7.34 -13.68 -24.18
C VAL A 238 -6.01 -14.09 -24.81
N ALA A 239 -5.60 -15.35 -24.58
CA ALA A 239 -4.35 -15.86 -25.11
C ALA A 239 -4.36 -15.82 -26.64
N ALA A 240 -5.47 -16.24 -27.24
CA ALA A 240 -5.62 -16.27 -28.69
C ALA A 240 -5.61 -14.84 -29.25
N LEU A 241 -6.33 -13.93 -28.58
CA LEU A 241 -6.50 -12.57 -29.04
C LEU A 241 -5.15 -11.84 -29.16
N ALA A 242 -4.27 -12.03 -28.16
CA ALA A 242 -3.02 -11.28 -28.11
C ALA A 242 -1.84 -12.16 -28.54
N ASN A 243 -2.12 -13.40 -28.98
CA ASN A 243 -1.07 -14.35 -29.33
C ASN A 243 -0.16 -14.56 -28.13
N LEU A 244 -0.77 -14.76 -26.96
CA LEU A 244 -0.06 -14.96 -25.71
C LEU A 244 0.08 -16.45 -25.44
N ASP A 245 1.15 -16.79 -24.72
CA ASP A 245 1.36 -18.12 -24.19
C ASP A 245 0.39 -18.31 -23.03
N GLU A 246 -0.46 -19.33 -23.13
CA GLU A 246 -1.56 -19.54 -22.19
C GLU A 246 -1.00 -19.93 -20.82
N ASP A 247 0.15 -20.62 -20.81
CA ASP A 247 0.83 -20.98 -19.58
C ASP A 247 1.25 -19.73 -18.83
N GLU A 248 1.76 -18.74 -19.55
CA GLU A 248 2.24 -17.52 -18.93
C GLU A 248 1.06 -16.77 -18.32
N LEU A 249 -0.08 -16.75 -19.02
CA LEU A 249 -1.27 -16.06 -18.52
C LEU A 249 -1.76 -16.74 -17.25
N TYR A 250 -1.65 -18.08 -17.17
CA TYR A 250 -2.10 -18.83 -16.02
C TYR A 250 -1.19 -18.55 -14.81
N GLN A 251 0.12 -18.43 -15.07
CA GLN A 251 1.07 -18.16 -14.00
C GLN A 251 0.84 -16.76 -13.44
N LEU A 252 0.30 -15.85 -14.24
CA LEU A 252 -0.01 -14.49 -13.81
C LEU A 252 -1.38 -14.42 -13.15
N ASN A 253 -2.25 -15.40 -13.41
CA ASN A 253 -3.59 -15.44 -12.87
C ASN A 253 -3.87 -16.79 -12.23
N PRO A 254 -3.10 -17.19 -11.19
CA PRO A 254 -3.20 -18.53 -10.63
C PRO A 254 -4.41 -18.79 -9.73
N ALA A 255 -5.21 -17.75 -9.44
CA ALA A 255 -6.39 -17.91 -8.62
C ALA A 255 -7.41 -18.84 -9.28
N TYR A 256 -7.38 -18.93 -10.62
CA TYR A 256 -8.33 -19.74 -11.36
C TYR A 256 -7.89 -21.20 -11.42
N LYS A 257 -8.53 -22.05 -10.62
CA LYS A 257 -8.28 -23.49 -10.66
C LYS A 257 -8.78 -24.04 -12.00
N ARG A 258 -8.06 -25.01 -12.56
CA ARG A 258 -8.43 -25.65 -13.82
C ARG A 258 -8.40 -24.64 -14.96
N ARG A 259 -7.83 -23.44 -14.70
CA ARG A 259 -7.67 -22.39 -15.69
C ARG A 259 -9.03 -21.91 -16.21
N VAL A 260 -10.09 -22.18 -15.44
CA VAL A 260 -11.44 -21.78 -15.81
C VAL A 260 -11.68 -20.42 -15.18
N THR A 261 -11.95 -19.41 -16.03
CA THR A 261 -12.16 -18.05 -15.56
C THR A 261 -13.60 -17.95 -15.12
N MET A 262 -13.86 -18.42 -13.90
CA MET A 262 -15.15 -18.28 -13.25
C MET A 262 -14.84 -17.89 -11.80
N ASP A 263 -15.79 -17.16 -11.19
CA ASP A 263 -15.79 -16.83 -9.78
C ASP A 263 -14.80 -15.72 -9.43
N GLY A 264 -14.15 -15.12 -10.42
CA GLY A 264 -13.09 -14.17 -10.12
C GLY A 264 -13.54 -12.72 -10.30
N PRO A 265 -12.69 -11.74 -9.93
CA PRO A 265 -12.99 -10.33 -10.17
C PRO A 265 -12.88 -10.08 -11.67
N GLN A 266 -13.30 -8.89 -12.12
CA GLN A 266 -13.27 -8.59 -13.55
C GLN A 266 -11.96 -7.87 -13.86
N GLN A 267 -10.86 -8.48 -13.43
CA GLN A 267 -9.51 -7.98 -13.64
C GLN A 267 -8.61 -9.15 -14.00
N LEU A 268 -7.66 -8.93 -14.91
CA LEU A 268 -6.72 -9.94 -15.37
C LEU A 268 -5.33 -9.32 -15.46
N LEU A 269 -4.30 -10.05 -15.00
CA LEU A 269 -2.92 -9.63 -15.17
C LEU A 269 -2.39 -10.18 -16.49
N VAL A 270 -1.80 -9.29 -17.30
CA VAL A 270 -1.28 -9.67 -18.62
C VAL A 270 0.15 -9.13 -18.74
N PRO A 271 1.01 -9.76 -19.57
CA PRO A 271 2.36 -9.26 -19.80
C PRO A 271 2.34 -7.82 -20.31
N MET A 272 3.29 -7.02 -19.81
CA MET A 272 3.35 -5.60 -20.09
C MET A 272 3.35 -5.34 -21.60
N GLU A 273 4.10 -6.13 -22.38
CA GLU A 273 4.27 -5.83 -23.79
C GLU A 273 2.97 -5.99 -24.58
N LYS A 274 1.96 -6.67 -24.03
CA LYS A 274 0.68 -6.82 -24.71
C LYS A 274 -0.43 -6.02 -24.01
N ALA A 275 -0.06 -5.23 -23.00
CA ALA A 275 -1.02 -4.58 -22.12
C ALA A 275 -1.85 -3.56 -22.88
N ALA A 276 -1.19 -2.70 -23.67
CA ALA A 276 -1.88 -1.67 -24.43
C ALA A 276 -2.90 -2.28 -25.39
N PHE A 277 -2.47 -3.31 -26.14
CA PHE A 277 -3.36 -3.96 -27.09
C PHE A 277 -4.58 -4.52 -26.38
N LEU A 278 -4.37 -5.24 -25.26
CA LEU A 278 -5.45 -5.90 -24.55
C LEU A 278 -6.34 -4.88 -23.84
N THR A 279 -5.76 -3.78 -23.33
CA THR A 279 -6.55 -2.73 -22.74
C THR A 279 -7.54 -2.19 -23.77
N ALA A 280 -7.04 -1.90 -24.98
CA ALA A 280 -7.85 -1.33 -26.05
C ALA A 280 -8.86 -2.35 -26.58
N SER A 281 -8.48 -3.63 -26.63
CA SER A 281 -9.35 -4.67 -27.18
C SER A 281 -10.48 -5.02 -26.20
N LEU A 282 -10.15 -5.15 -24.91
CA LEU A 282 -11.07 -5.66 -23.91
C LEU A 282 -11.75 -4.53 -23.13
N ASP A 283 -11.28 -3.29 -23.27
CA ASP A 283 -11.66 -2.22 -22.34
C ASP A 283 -11.39 -0.85 -22.99
N HIS B 8 -13.49 -5.13 8.80
CA HIS B 8 -13.75 -5.41 7.36
C HIS B 8 -12.48 -5.23 6.55
N HIS B 9 -12.00 -6.33 5.95
CA HIS B 9 -10.98 -6.30 4.92
C HIS B 9 -11.68 -6.37 3.55
N HIS B 10 -11.24 -5.51 2.63
CA HIS B 10 -11.90 -5.28 1.36
C HIS B 10 -11.34 -6.24 0.30
N SER B 11 -12.23 -6.92 -0.42
CA SER B 11 -11.87 -7.69 -1.61
C SER B 11 -12.28 -6.91 -2.86
N SER B 12 -11.55 -7.15 -3.96
CA SER B 12 -11.78 -6.44 -5.22
C SER B 12 -13.00 -6.96 -5.97
N GLY B 13 -13.76 -7.91 -5.37
CA GLY B 13 -14.95 -8.46 -5.99
C GLY B 13 -16.24 -7.71 -5.61
N GLU B 14 -16.14 -6.81 -4.64
CA GLU B 14 -17.28 -6.03 -4.18
C GLU B 14 -17.48 -4.79 -5.05
N ASN B 15 -16.48 -4.48 -5.90
CA ASN B 15 -16.30 -3.13 -6.41
C ASN B 15 -17.32 -2.81 -7.50
N LEU B 16 -17.63 -3.80 -8.35
CA LEU B 16 -18.55 -3.57 -9.46
C LEU B 16 -19.94 -3.20 -8.93
N TYR B 17 -20.27 -3.72 -7.74
CA TYR B 17 -21.61 -3.58 -7.20
C TYR B 17 -21.83 -2.21 -6.58
N PHE B 18 -20.74 -1.49 -6.25
CA PHE B 18 -20.88 -0.17 -5.65
C PHE B 18 -21.45 0.79 -6.68
N GLN B 19 -22.30 1.70 -6.22
CA GLN B 19 -22.99 2.67 -7.06
C GLN B 19 -21.96 3.72 -7.51
N GLY B 20 -21.28 4.32 -6.54
CA GLY B 20 -20.18 5.24 -6.81
C GLY B 20 -19.12 5.16 -5.71
N ILE B 21 -18.26 6.18 -5.68
CA ILE B 21 -17.12 6.18 -4.80
C ILE B 21 -17.56 6.40 -3.35
N TRP B 22 -18.67 7.11 -3.14
CA TRP B 22 -19.13 7.42 -1.79
C TRP B 22 -19.58 6.15 -1.07
N ASP B 23 -20.31 5.27 -1.76
CA ASP B 23 -20.70 3.97 -1.21
C ASP B 23 -19.46 3.18 -0.83
N ARG B 24 -18.50 3.13 -1.76
CA ARG B 24 -17.28 2.37 -1.55
C ARG B 24 -16.53 2.90 -0.33
N MET B 25 -16.43 4.23 -0.24
CA MET B 25 -15.79 4.89 0.89
C MET B 25 -16.44 4.48 2.20
N ARG B 26 -17.78 4.62 2.26
CA ARG B 26 -18.51 4.32 3.48
C ARG B 26 -18.25 2.89 3.95
N ASP B 27 -18.11 1.96 2.99
CA ASP B 27 -17.88 0.56 3.31
C ASP B 27 -16.64 0.39 4.18
N GLY B 28 -15.61 1.23 3.98
CA GLY B 28 -14.34 1.12 4.68
C GLY B 28 -14.16 2.07 5.87
N PHE B 29 -15.22 2.79 6.25
CA PHE B 29 -15.15 3.69 7.40
C PHE B 29 -14.93 2.86 8.67
N GLN B 30 -14.01 3.34 9.53
CA GLN B 30 -13.65 2.62 10.74
C GLN B 30 -13.81 3.46 12.01
N LEU B 31 -14.12 4.76 11.89
CA LEU B 31 -14.06 5.66 13.04
C LEU B 31 -15.45 6.08 13.51
N GLN B 32 -16.52 5.53 12.90
CA GLN B 32 -17.86 6.00 13.21
C GLN B 32 -18.33 5.47 14.56
N ASP B 33 -18.05 4.19 14.82
CA ASP B 33 -18.48 3.52 16.05
C ASP B 33 -18.20 4.37 17.28
N ALA B 34 -16.98 4.94 17.36
CA ALA B 34 -16.45 5.49 18.60
C ALA B 34 -16.48 7.01 18.61
N ILE B 35 -17.18 7.64 17.66
CA ILE B 35 -17.29 9.09 17.65
C ILE B 35 -18.12 9.52 18.84
N SER B 36 -17.50 10.27 19.77
CA SER B 36 -18.21 10.91 20.87
C SER B 36 -19.15 11.97 20.32
N THR B 37 -20.02 12.50 21.19
CA THR B 37 -20.88 13.61 20.82
C THR B 37 -20.35 14.88 21.48
N ASN B 38 -19.02 15.05 21.47
CA ASN B 38 -18.38 16.28 21.89
C ASN B 38 -18.98 17.42 21.08
N PRO B 39 -19.39 18.55 21.71
CA PRO B 39 -19.92 19.71 20.98
C PRO B 39 -19.00 20.28 19.90
N ARG B 40 -17.69 20.01 20.01
CA ARG B 40 -16.74 20.52 19.03
C ARG B 40 -17.00 19.89 17.66
N ILE B 41 -17.54 18.66 17.63
CA ILE B 41 -17.85 17.99 16.38
C ILE B 41 -19.07 18.63 15.74
N GLU B 42 -20.13 18.82 16.54
CA GLU B 42 -21.36 19.45 16.08
C GLU B 42 -21.06 20.82 15.49
N ARG B 43 -20.15 21.56 16.14
CA ARG B 43 -19.73 22.88 15.70
C ARG B 43 -19.14 22.83 14.30
N GLN B 44 -18.32 21.80 14.01
CA GLN B 44 -17.72 21.68 12.70
C GLN B 44 -18.76 21.23 11.67
N ARG B 45 -19.69 20.38 12.11
CA ARG B 45 -20.74 19.88 11.24
C ARG B 45 -21.57 21.05 10.71
N LEU B 46 -21.93 21.98 11.59
CA LEU B 46 -22.71 23.16 11.20
C LEU B 46 -21.94 23.99 10.18
N TRP B 47 -20.61 24.10 10.35
CA TRP B 47 -19.82 24.87 9.41
C TRP B 47 -19.96 24.30 8.00
N PHE B 48 -19.92 22.96 7.86
CA PHE B 48 -20.02 22.34 6.54
C PHE B 48 -21.40 22.56 5.93
N LEU B 49 -22.45 22.47 6.75
CA LEU B 49 -23.82 22.63 6.27
C LEU B 49 -24.05 24.05 5.78
N SER B 50 -23.45 25.04 6.47
CA SER B 50 -23.67 26.44 6.16
C SER B 50 -22.68 26.93 5.10
N ASN B 51 -21.70 26.10 4.73
CA ASN B 51 -20.78 26.41 3.65
C ASN B 51 -20.69 25.21 2.71
N GLN B 52 -21.82 24.90 2.05
CA GLN B 52 -21.97 23.65 1.33
C GLN B 52 -21.12 23.60 0.06
N SER B 53 -20.75 24.78 -0.47
CA SER B 53 -19.99 24.85 -1.70
C SER B 53 -18.58 24.31 -1.50
N PHE B 54 -18.10 24.33 -0.25
CA PHE B 54 -16.79 23.83 0.09
C PHE B 54 -16.64 22.37 -0.33
N LEU B 55 -17.57 21.52 0.14
CA LEU B 55 -17.50 20.09 -0.15
C LEU B 55 -17.78 19.85 -1.63
N GLU B 56 -18.69 20.65 -2.22
CA GLU B 56 -19.02 20.48 -3.63
C GLU B 56 -17.80 20.76 -4.52
N GLN B 57 -17.08 21.85 -4.24
CA GLN B 57 -15.89 22.18 -5.02
C GLN B 57 -14.80 21.14 -4.81
N SER B 58 -14.61 20.71 -3.55
CA SER B 58 -13.63 19.69 -3.21
C SER B 58 -13.94 18.38 -3.94
N SER B 59 -15.22 18.04 -4.06
CA SER B 59 -15.65 16.80 -4.69
C SER B 59 -15.40 16.82 -6.19
N ALA B 60 -15.66 17.97 -6.83
CA ALA B 60 -15.46 18.12 -8.26
C ALA B 60 -13.97 17.98 -8.61
N ARG B 61 -13.09 18.61 -7.81
CA ARG B 61 -11.66 18.39 -7.96
C ARG B 61 -11.29 16.97 -7.59
N GLY B 62 -11.89 16.47 -6.50
CA GLY B 62 -11.59 15.16 -5.96
C GLY B 62 -11.91 14.03 -6.93
N SER B 63 -12.81 14.28 -7.90
CA SER B 63 -13.18 13.26 -8.87
C SER B 63 -11.97 12.76 -9.65
N LEU B 64 -10.90 13.56 -9.76
CA LEU B 64 -9.69 13.13 -10.46
C LEU B 64 -8.89 12.13 -9.62
N TYR B 65 -8.99 12.23 -8.28
CA TYR B 65 -7.99 11.64 -7.40
C TYR B 65 -8.58 10.62 -6.40
N MET B 66 -9.88 10.69 -6.11
CA MET B 66 -10.45 10.02 -4.96
C MET B 66 -10.39 8.50 -5.10
N HIS B 67 -10.60 8.02 -6.33
CA HIS B 67 -10.57 6.59 -6.58
C HIS B 67 -9.20 6.02 -6.19
N TYR B 68 -8.13 6.73 -6.58
CA TYR B 68 -6.77 6.29 -6.29
C TYR B 68 -6.54 6.26 -4.79
N VAL B 69 -6.96 7.33 -4.09
CA VAL B 69 -6.76 7.45 -2.66
C VAL B 69 -7.51 6.31 -1.96
N VAL B 70 -8.77 6.09 -2.34
CA VAL B 70 -9.61 5.06 -1.76
C VAL B 70 -8.95 3.68 -1.91
N GLU B 71 -8.41 3.37 -3.09
CA GLU B 71 -7.82 2.06 -3.32
C GLU B 71 -6.56 1.87 -2.47
N ARG B 72 -5.76 2.93 -2.29
CA ARG B 72 -4.56 2.83 -1.47
C ARG B 72 -4.94 2.54 -0.02
N LEU B 73 -5.97 3.23 0.48
CA LEU B 73 -6.41 3.06 1.86
C LEU B 73 -6.96 1.64 2.07
N GLU B 74 -7.74 1.14 1.12
CA GLU B 74 -8.32 -0.19 1.22
C GLU B 74 -7.23 -1.25 1.31
N GLU B 75 -6.21 -1.16 0.46
CA GLU B 75 -5.23 -2.24 0.39
C GLU B 75 -4.40 -2.26 1.67
N ARG B 76 -4.36 -1.15 2.43
CA ARG B 76 -3.65 -1.09 3.70
C ARG B 76 -4.59 -1.31 4.88
N ASN B 77 -5.88 -1.51 4.61
CA ASN B 77 -6.92 -1.64 5.64
C ASN B 77 -6.93 -0.43 6.57
N MET B 78 -6.68 0.76 6.03
CA MET B 78 -6.69 1.96 6.84
C MET B 78 -8.09 2.60 6.76
N PRO B 79 -8.49 3.43 7.77
CA PRO B 79 -9.83 4.02 7.77
C PRO B 79 -10.12 4.84 6.52
N LEU B 80 -11.26 4.58 5.87
CA LEU B 80 -11.57 5.29 4.63
C LEU B 80 -11.98 6.74 4.89
N GLU B 81 -12.20 7.11 6.15
CA GLU B 81 -12.39 8.51 6.50
C GLU B 81 -11.20 9.33 6.02
N LEU B 82 -10.01 8.71 5.92
CA LEU B 82 -8.82 9.44 5.55
C LEU B 82 -8.87 9.89 4.08
N ALA B 83 -9.77 9.30 3.29
CA ALA B 83 -9.99 9.76 1.92
C ALA B 83 -10.62 11.15 1.91
N LEU B 84 -11.13 11.60 3.06
CA LEU B 84 -11.65 12.95 3.21
C LEU B 84 -10.59 13.93 3.72
N LEU B 85 -9.40 13.43 4.11
CA LEU B 85 -8.42 14.33 4.69
C LEU B 85 -8.00 15.40 3.69
N PRO B 86 -7.80 15.10 2.39
CA PRO B 86 -7.47 16.14 1.41
C PRO B 86 -8.56 17.19 1.23
N VAL B 87 -9.83 16.85 1.53
CA VAL B 87 -10.90 17.83 1.50
C VAL B 87 -10.55 18.96 2.45
N ILE B 88 -10.23 18.62 3.71
CA ILE B 88 -10.03 19.65 4.73
C ILE B 88 -8.63 20.26 4.57
N GLU B 89 -7.67 19.50 4.02
CA GLU B 89 -6.31 19.98 3.88
C GLU B 89 -6.18 20.94 2.71
N SER B 90 -6.75 20.57 1.55
CA SER B 90 -6.44 21.27 0.30
C SER B 90 -7.65 21.46 -0.60
N ALA B 91 -8.85 21.06 -0.16
CA ALA B 91 -10.00 20.99 -1.03
C ALA B 91 -9.69 20.15 -2.28
N TYR B 92 -8.86 19.12 -2.12
CA TYR B 92 -8.42 18.25 -3.21
C TYR B 92 -7.77 19.04 -4.34
N ASN B 93 -7.14 20.17 -4.01
CA ASN B 93 -6.39 20.95 -4.98
C ASN B 93 -4.90 20.72 -4.73
N PRO B 94 -4.18 20.00 -5.61
CA PRO B 94 -2.76 19.74 -5.41
C PRO B 94 -1.84 20.97 -5.54
N PHE B 95 -2.39 22.08 -6.03
CA PHE B 95 -1.64 23.33 -6.12
C PHE B 95 -1.84 24.19 -4.86
N ALA B 96 -2.66 23.72 -3.92
CA ALA B 96 -2.90 24.46 -2.69
C ALA B 96 -1.59 24.59 -1.91
N LEU B 97 -1.37 25.78 -1.34
CA LEU B 97 -0.15 26.07 -0.62
C LEU B 97 -0.50 26.97 0.57
N SER B 98 -0.22 26.49 1.79
CA SER B 98 -0.47 27.28 2.98
C SER B 98 0.63 28.34 3.12
N ARG B 99 0.43 29.27 4.06
CA ARG B 99 1.42 30.30 4.34
C ARG B 99 2.62 29.70 5.08
N SER B 100 2.49 28.48 5.60
CA SER B 100 3.64 27.76 6.16
C SER B 100 4.30 26.89 5.09
N ASN B 101 3.86 27.05 3.84
CA ASN B 101 4.37 26.31 2.69
C ASN B 101 4.00 24.83 2.79
N ALA B 102 2.85 24.50 3.38
CA ALA B 102 2.31 23.15 3.27
C ALA B 102 1.72 22.98 1.87
N ALA B 103 2.13 21.90 1.17
CA ALA B 103 1.91 21.77 -0.26
C ALA B 103 1.24 20.44 -0.61
N GLY B 104 0.48 20.46 -1.71
CA GLY B 104 -0.12 19.26 -2.27
C GLY B 104 -1.44 18.89 -1.60
N LEU B 105 -2.07 17.82 -2.10
CA LEU B 105 -3.32 17.29 -1.57
C LEU B 105 -3.23 17.09 -0.06
N TRP B 106 -2.06 16.63 0.40
CA TRP B 106 -1.88 16.17 1.76
C TRP B 106 -1.18 17.22 2.64
N GLN B 107 -0.79 18.35 2.03
CA GLN B 107 -0.27 19.51 2.74
C GLN B 107 0.96 19.15 3.56
N PHE B 108 1.98 18.61 2.87
CA PHE B 108 3.29 18.39 3.47
C PHE B 108 4.04 19.72 3.58
N ILE B 109 4.57 20.03 4.77
CA ILE B 109 5.47 21.16 4.92
C ILE B 109 6.84 20.75 4.40
N PRO B 110 7.74 21.70 4.08
CA PRO B 110 9.04 21.36 3.49
C PRO B 110 9.84 20.28 4.22
N ALA B 111 9.99 20.41 5.54
CA ALA B 111 10.82 19.48 6.30
C ALA B 111 10.23 18.07 6.31
N THR B 112 8.91 17.95 6.49
CA THR B 112 8.25 16.65 6.48
C THR B 112 8.33 16.05 5.08
N GLY B 113 8.08 16.87 4.06
CA GLY B 113 8.26 16.45 2.68
C GLY B 113 9.65 15.88 2.44
N GLN B 114 10.67 16.62 2.90
CA GLN B 114 12.06 16.21 2.80
C GLN B 114 12.26 14.84 3.43
N HIS B 115 11.70 14.65 4.63
CA HIS B 115 11.83 13.38 5.34
C HIS B 115 11.39 12.23 4.45
N PHE B 116 10.29 12.43 3.69
CA PHE B 116 9.74 11.39 2.84
C PHE B 116 10.33 11.44 1.43
N ASN B 117 11.44 12.17 1.26
CA ASN B 117 12.14 12.27 0.00
C ASN B 117 11.20 12.77 -1.10
N LEU B 118 10.30 13.70 -0.74
CA LEU B 118 9.52 14.43 -1.73
C LEU B 118 10.33 15.67 -2.13
N ARG B 119 11.03 15.58 -3.25
CA ARG B 119 12.07 16.54 -3.62
C ARG B 119 11.45 17.88 -3.97
N GLN B 120 12.15 18.97 -3.62
CA GLN B 120 11.64 20.32 -3.80
C GLN B 120 12.72 21.18 -4.45
N THR B 121 12.60 21.37 -5.77
CA THR B 121 13.51 22.22 -6.52
C THR B 121 12.72 23.42 -7.03
N ASN B 122 13.35 24.21 -7.91
CA ASN B 122 12.68 25.36 -8.50
C ASN B 122 11.76 24.91 -9.65
N PHE B 123 11.86 23.64 -10.07
CA PHE B 123 11.13 23.14 -11.22
C PHE B 123 10.26 21.93 -10.88
N TYR B 124 10.50 21.28 -9.72
CA TYR B 124 9.78 20.07 -9.35
C TYR B 124 9.47 20.10 -7.86
N ASP B 125 8.22 19.79 -7.49
CA ASP B 125 7.85 19.66 -6.09
C ASP B 125 7.12 18.33 -5.90
N GLY B 126 7.86 17.34 -5.39
CA GLY B 126 7.35 16.00 -5.16
C GLY B 126 6.14 15.96 -4.22
N ARG B 127 5.95 17.02 -3.41
CA ARG B 127 4.83 17.08 -2.49
C ARG B 127 3.51 17.16 -3.25
N ARG B 128 3.55 17.65 -4.51
CA ARG B 128 2.34 17.81 -5.31
C ARG B 128 2.03 16.52 -6.09
N ASP B 129 3.06 15.70 -6.33
CA ASP B 129 2.92 14.42 -7.02
C ASP B 129 1.84 13.58 -6.33
N ILE B 130 0.81 13.19 -7.10
CA ILE B 130 -0.37 12.54 -6.54
C ILE B 130 0.01 11.22 -5.87
N THR B 131 0.74 10.35 -6.59
CA THR B 131 0.98 9.00 -6.08
C THR B 131 2.04 9.06 -4.97
N ALA B 132 3.12 9.81 -5.17
CA ALA B 132 4.18 9.90 -4.18
C ALA B 132 3.65 10.54 -2.89
N SER B 133 2.90 11.64 -2.98
CA SER B 133 2.41 12.32 -1.78
C SER B 133 1.40 11.44 -1.05
N THR B 134 0.54 10.73 -1.79
CA THR B 134 -0.49 9.90 -1.17
C THR B 134 0.15 8.77 -0.37
N ASN B 135 1.12 8.07 -0.98
CA ASN B 135 1.72 6.91 -0.33
C ASN B 135 2.54 7.37 0.88
N ALA B 136 3.20 8.53 0.77
CA ALA B 136 3.93 9.12 1.89
C ALA B 136 2.97 9.50 3.01
N ALA B 137 1.83 10.10 2.68
CA ALA B 137 0.88 10.56 3.69
C ALA B 137 0.31 9.36 4.45
N LEU B 138 -0.06 8.29 3.73
CA LEU B 138 -0.62 7.11 4.37
C LEU B 138 0.43 6.44 5.27
N THR B 139 1.69 6.42 4.82
CA THR B 139 2.79 5.89 5.61
C THR B 139 3.00 6.73 6.87
N TYR B 140 2.96 8.05 6.74
CA TYR B 140 3.11 8.96 7.87
C TYR B 140 1.98 8.73 8.86
N LEU B 141 0.75 8.70 8.36
CA LEU B 141 -0.43 8.50 9.20
C LEU B 141 -0.36 7.17 9.95
N GLU B 142 0.04 6.10 9.26
CA GLU B 142 0.19 4.79 9.87
C GLU B 142 1.22 4.85 11.00
N ARG B 143 2.37 5.49 10.73
CA ARG B 143 3.44 5.62 11.70
C ARG B 143 2.96 6.40 12.92
N LEU B 144 2.23 7.49 12.71
CA LEU B 144 1.70 8.30 13.80
C LEU B 144 0.73 7.48 14.63
N HIS B 145 -0.16 6.74 13.96
CA HIS B 145 -1.12 5.87 14.63
C HIS B 145 -0.36 4.85 15.50
N ASP B 146 0.73 4.29 14.98
CA ASP B 146 1.53 3.33 15.72
C ASP B 146 2.20 3.98 16.93
N MET B 147 2.65 5.24 16.77
CA MET B 147 3.33 5.94 17.85
C MET B 147 2.38 6.26 18.99
N PHE B 148 1.08 6.41 18.69
CA PHE B 148 0.10 6.75 19.72
C PHE B 148 -0.79 5.57 20.03
N ASN B 149 -0.20 4.36 20.04
CA ASN B 149 -0.85 3.13 20.49
C ASN B 149 -2.19 2.92 19.78
N GLY B 150 -2.25 3.20 18.48
CA GLY B 150 -3.39 2.86 17.64
C GLY B 150 -4.50 3.91 17.67
N ASP B 151 -4.26 5.06 18.29
CA ASP B 151 -5.29 6.07 18.48
C ASP B 151 -5.28 7.03 17.29
N TRP B 152 -6.33 6.98 16.46
CA TRP B 152 -6.40 7.75 15.24
C TRP B 152 -6.62 9.23 15.51
N MET B 153 -7.25 9.57 16.65
CA MET B 153 -7.47 10.95 17.04
C MET B 153 -6.11 11.63 17.25
N LEU B 154 -5.23 10.98 18.02
CA LEU B 154 -3.92 11.53 18.31
C LEU B 154 -3.05 11.57 17.06
N ALA B 155 -3.18 10.52 16.22
CA ALA B 155 -2.46 10.46 14.97
C ALA B 155 -2.80 11.65 14.07
N LEU B 156 -4.10 11.93 13.92
CA LEU B 156 -4.54 13.06 13.11
C LEU B 156 -4.05 14.38 13.72
N ALA B 157 -4.13 14.52 15.04
CA ALA B 157 -3.64 15.71 15.71
C ALA B 157 -2.15 15.90 15.42
N ALA B 158 -1.39 14.80 15.49
CA ALA B 158 0.04 14.82 15.23
C ALA B 158 0.34 15.13 13.77
N TYR B 159 -0.51 14.68 12.84
CA TYR B 159 -0.32 14.97 11.42
C TYR B 159 -0.34 16.49 11.20
N ASN B 160 -1.24 17.17 11.92
CA ASN B 160 -1.44 18.60 11.78
C ASN B 160 -0.43 19.39 12.62
N ALA B 161 -0.20 18.97 13.88
CA ALA B 161 0.57 19.77 14.83
C ALA B 161 2.00 19.24 14.98
N GLY B 162 2.25 18.00 14.56
CA GLY B 162 3.54 17.36 14.78
C GLY B 162 3.53 16.43 15.99
N GLU B 163 4.27 15.33 15.87
CA GLU B 163 4.36 14.28 16.87
C GLU B 163 4.88 14.87 18.19
N GLY B 164 5.88 15.74 18.10
CA GLY B 164 6.49 16.35 19.27
C GLY B 164 5.47 17.14 20.09
N THR B 165 4.70 18.01 19.40
CA THR B 165 3.71 18.85 20.05
C THR B 165 2.72 18.00 20.82
N VAL B 166 2.19 16.95 20.17
CA VAL B 166 1.19 16.09 20.78
C VAL B 166 1.80 15.33 21.96
N SER B 167 2.99 14.75 21.78
CA SER B 167 3.67 14.03 22.85
C SER B 167 3.90 14.91 24.07
N ARG B 168 4.34 16.15 23.84
CA ARG B 168 4.60 17.11 24.90
C ARG B 168 3.30 17.50 25.61
N ALA B 169 2.19 17.55 24.87
CA ALA B 169 0.91 17.88 25.46
C ALA B 169 0.45 16.72 26.36
N ILE B 170 0.67 15.49 25.90
CA ILE B 170 0.31 14.30 26.67
C ILE B 170 1.11 14.29 27.98
N GLU B 171 2.42 14.51 27.90
CA GLU B 171 3.28 14.45 29.08
C GLU B 171 2.90 15.54 30.09
N ARG B 172 2.53 16.73 29.58
CA ARG B 172 2.07 17.83 30.42
C ARG B 172 0.81 17.42 31.19
N ASN B 173 -0.13 16.75 30.52
CA ASN B 173 -1.37 16.35 31.18
C ASN B 173 -1.10 15.25 32.20
N GLU B 174 -0.16 14.34 31.89
CA GLU B 174 0.20 13.28 32.81
C GLU B 174 0.70 13.86 34.13
N LYS B 175 1.57 14.87 34.04
CA LYS B 175 2.17 15.49 35.22
C LYS B 175 1.10 16.22 36.04
N LEU B 176 0.11 16.82 35.37
CA LEU B 176 -0.97 17.53 36.05
C LEU B 176 -2.01 16.54 36.60
N GLY B 177 -1.99 15.30 36.11
CA GLY B 177 -2.95 14.29 36.52
C GLY B 177 -4.27 14.42 35.75
N LEU B 178 -4.19 14.84 34.49
CA LEU B 178 -5.35 14.93 33.61
C LEU B 178 -5.33 13.74 32.66
N PRO B 179 -6.48 13.29 32.12
CA PRO B 179 -6.50 12.32 31.04
C PRO B 179 -5.77 12.88 29.81
N THR B 180 -5.28 11.97 28.96
CA THR B 180 -4.32 12.30 27.92
C THR B 180 -4.86 12.01 26.52
N ASP B 181 -6.17 11.74 26.43
CA ASP B 181 -6.84 11.55 25.15
C ASP B 181 -6.87 12.89 24.42
N TYR B 182 -7.02 12.83 23.09
CA TYR B 182 -6.96 14.00 22.23
C TYR B 182 -7.82 15.15 22.77
N TRP B 183 -9.06 14.84 23.17
CA TRP B 183 -10.05 15.88 23.48
C TRP B 183 -9.61 16.74 24.66
N ASN B 184 -8.77 16.19 25.55
CA ASN B 184 -8.33 16.88 26.76
C ASN B 184 -6.95 17.55 26.59
N LEU B 185 -6.36 17.47 25.41
CA LEU B 185 -5.10 18.15 25.16
C LEU B 185 -5.39 19.60 24.78
N PRO B 186 -4.71 20.60 25.39
CA PRO B 186 -4.94 22.01 25.06
C PRO B 186 -4.08 22.46 23.89
N LEU B 187 -4.42 21.99 22.69
CA LEU B 187 -3.58 22.17 21.52
C LEU B 187 -3.89 23.53 20.86
N PRO B 188 -3.02 24.04 19.96
CA PRO B 188 -3.33 25.24 19.19
C PRO B 188 -4.66 25.08 18.44
N GLN B 189 -5.31 26.21 18.16
CA GLN B 189 -6.70 26.19 17.74
C GLN B 189 -6.88 25.40 16.45
N GLU B 190 -5.95 25.52 15.51
CA GLU B 190 -6.03 24.81 14.25
C GLU B 190 -6.18 23.30 14.50
N THR B 191 -5.36 22.76 15.42
CA THR B 191 -5.37 21.34 15.74
C THR B 191 -6.57 20.97 16.60
N GLN B 192 -7.08 21.92 17.40
CA GLN B 192 -8.31 21.73 18.15
C GLN B 192 -9.49 21.50 17.20
N ASP B 193 -9.46 22.17 16.05
CA ASP B 193 -10.55 22.11 15.08
C ASP B 193 -10.34 20.95 14.12
N TYR B 194 -9.09 20.54 13.92
CA TYR B 194 -8.70 19.65 12.84
C TYR B 194 -9.44 18.32 12.93
N VAL B 195 -9.36 17.66 14.09
CA VAL B 195 -9.91 16.33 14.25
C VAL B 195 -11.44 16.37 14.20
N PRO B 196 -12.14 17.23 14.96
CA PRO B 196 -13.60 17.32 14.85
C PRO B 196 -14.08 17.65 13.43
N LYS B 197 -13.28 18.42 12.69
CA LYS B 197 -13.58 18.75 11.30
C LYS B 197 -13.68 17.48 10.46
N LEU B 198 -12.67 16.61 10.57
CA LEU B 198 -12.65 15.36 9.82
C LEU B 198 -13.81 14.47 10.26
N LEU B 199 -14.05 14.37 11.56
CA LEU B 199 -15.11 13.51 12.07
C LEU B 199 -16.47 14.02 11.59
N ALA B 200 -16.70 15.33 11.71
CA ALA B 200 -17.97 15.92 11.28
C ALA B 200 -18.22 15.63 9.80
N LEU B 201 -17.19 15.85 8.97
CA LEU B 201 -17.34 15.64 7.54
C LEU B 201 -17.66 14.17 7.24
N SER B 202 -17.02 13.25 7.98
CA SER B 202 -17.24 11.82 7.76
C SER B 202 -18.65 11.41 8.14
N GLN B 203 -19.22 12.04 9.18
CA GLN B 203 -20.60 11.79 9.57
C GLN B 203 -21.55 12.19 8.44
N ILE B 204 -21.29 13.34 7.81
CA ILE B 204 -22.10 13.82 6.71
C ILE B 204 -21.99 12.84 5.53
N VAL B 205 -20.76 12.42 5.22
CA VAL B 205 -20.55 11.53 4.10
C VAL B 205 -21.17 10.17 4.40
N MET B 206 -21.18 9.77 5.68
CA MET B 206 -21.71 8.48 6.08
C MET B 206 -23.21 8.43 5.82
N ALA B 207 -23.92 9.54 6.08
CA ALA B 207 -25.37 9.56 5.97
C ALA B 207 -25.86 10.92 5.45
N PRO B 208 -25.62 11.26 4.17
CA PRO B 208 -25.85 12.62 3.68
C PRO B 208 -27.35 13.01 3.70
N ASP B 209 -28.22 12.04 3.39
CA ASP B 209 -29.67 12.22 3.48
C ASP B 209 -30.06 12.83 4.82
N SER B 210 -29.44 12.35 5.90
CA SER B 210 -29.82 12.76 7.25
C SER B 210 -29.47 14.22 7.55
N TYR B 211 -28.70 14.87 6.67
CA TYR B 211 -28.34 16.27 6.82
C TYR B 211 -28.88 17.10 5.66
N GLY B 212 -29.70 16.48 4.79
CA GLY B 212 -30.27 17.16 3.64
C GLY B 212 -29.23 17.46 2.56
N ILE B 213 -28.20 16.61 2.50
CA ILE B 213 -27.08 16.79 1.56
C ILE B 213 -27.18 15.71 0.49
N SER B 214 -26.84 16.10 -0.74
CA SER B 214 -26.61 15.18 -1.84
C SER B 214 -25.20 15.41 -2.36
N LEU B 215 -24.42 14.33 -2.40
CA LEU B 215 -23.01 14.39 -2.75
C LEU B 215 -22.85 14.32 -4.27
N ASN B 216 -21.87 15.06 -4.79
CA ASN B 216 -21.56 15.06 -6.21
C ASN B 216 -21.33 13.62 -6.67
N PRO B 217 -22.09 13.09 -7.64
CA PRO B 217 -21.85 11.74 -8.15
C PRO B 217 -20.43 11.62 -8.69
N ILE B 218 -19.71 10.59 -8.19
CA ILE B 218 -18.40 10.23 -8.69
C ILE B 218 -18.44 8.72 -8.89
N ASN B 219 -18.08 8.28 -10.11
CA ASN B 219 -18.12 6.88 -10.48
C ASN B 219 -17.07 6.10 -9.70
N ASN B 220 -17.35 4.82 -9.47
CA ASN B 220 -16.39 3.92 -8.86
C ASN B 220 -15.53 3.28 -9.95
N GLU B 221 -14.77 4.13 -10.65
CA GLU B 221 -13.88 3.68 -11.71
C GLU B 221 -12.62 4.54 -11.68
N PRO B 222 -11.46 4.00 -12.12
CA PRO B 222 -10.24 4.80 -12.17
C PRO B 222 -10.40 5.97 -13.13
N TYR B 223 -9.84 7.12 -12.76
CA TYR B 223 -9.80 8.28 -13.62
C TYR B 223 -8.54 8.24 -14.47
N PHE B 224 -7.44 7.74 -13.89
CA PHE B 224 -6.15 7.78 -14.56
C PHE B 224 -5.44 6.43 -14.48
N GLN B 225 -4.40 6.29 -15.30
CA GLN B 225 -3.47 5.19 -15.23
C GLN B 225 -2.05 5.76 -15.31
N ALA B 226 -1.13 5.14 -14.55
CA ALA B 226 0.29 5.48 -14.64
C ALA B 226 0.87 4.87 -15.91
N VAL B 227 1.69 5.65 -16.61
CA VAL B 227 2.37 5.23 -17.82
C VAL B 227 3.86 5.51 -17.66
N ARG B 228 4.70 4.53 -18.04
CA ARG B 228 6.14 4.68 -18.02
C ARG B 228 6.56 5.59 -19.17
N VAL B 229 7.46 6.53 -18.87
CA VAL B 229 8.19 7.29 -19.89
C VAL B 229 9.65 7.20 -19.52
N LYS B 230 10.54 6.96 -20.50
CA LYS B 230 11.94 6.70 -20.24
C LYS B 230 12.80 7.91 -20.60
N ARG B 231 12.16 9.04 -20.90
CA ARG B 231 12.88 10.25 -21.30
C ARG B 231 12.15 11.47 -20.77
N GLY B 232 12.78 12.64 -20.91
CA GLY B 232 12.21 13.91 -20.48
C GLY B 232 11.36 14.56 -21.57
N ILE B 233 10.07 14.20 -21.59
CA ILE B 233 9.14 14.65 -22.61
C ILE B 233 8.39 15.86 -22.06
N ASP B 234 7.98 16.78 -22.95
CA ASP B 234 7.15 17.90 -22.53
C ASP B 234 5.71 17.42 -22.39
N LEU B 235 4.99 17.93 -21.38
CA LEU B 235 3.59 17.60 -21.21
C LEU B 235 2.79 18.14 -22.39
N SER B 236 3.24 19.26 -22.97
CA SER B 236 2.65 19.81 -24.18
C SER B 236 2.70 18.79 -25.32
N SER B 237 3.85 18.11 -25.44
CA SER B 237 4.07 17.13 -26.49
C SER B 237 3.16 15.92 -26.30
N VAL B 238 3.01 15.48 -25.04
CA VAL B 238 2.15 14.35 -24.71
C VAL B 238 0.69 14.74 -25.00
N ALA B 239 0.32 15.97 -24.63
CA ALA B 239 -1.03 16.46 -24.84
C ALA B 239 -1.36 16.49 -26.33
N ALA B 240 -0.43 16.98 -27.15
CA ALA B 240 -0.62 17.04 -28.59
C ALA B 240 -0.74 15.64 -29.18
N LEU B 241 0.13 14.72 -28.73
CA LEU B 241 0.19 13.36 -29.25
C LEU B 241 -1.14 12.64 -29.06
N ALA B 242 -1.78 12.80 -27.90
CA ALA B 242 -2.98 12.05 -27.56
C ALA B 242 -4.22 12.91 -27.69
N ASN B 243 -4.07 14.15 -28.18
CA ASN B 243 -5.18 15.07 -28.32
C ASN B 243 -5.82 15.30 -26.96
N LEU B 244 -4.96 15.52 -25.95
CA LEU B 244 -5.41 15.77 -24.58
C LEU B 244 -5.41 17.28 -24.32
N ASP B 245 -6.23 17.71 -23.37
CA ASP B 245 -6.13 19.05 -22.84
C ASP B 245 -4.92 19.12 -21.92
N GLU B 246 -4.02 20.08 -22.18
CA GLU B 246 -2.78 20.22 -21.44
C GLU B 246 -3.05 20.55 -19.97
N ASP B 247 -4.15 21.28 -19.71
CA ASP B 247 -4.58 21.61 -18.37
C ASP B 247 -4.86 20.33 -17.59
N GLU B 248 -5.55 19.38 -18.23
CA GLU B 248 -5.93 18.16 -17.56
C GLU B 248 -4.68 17.35 -17.22
N LEU B 249 -3.71 17.31 -18.14
CA LEU B 249 -2.46 16.58 -17.91
C LEU B 249 -1.72 17.19 -16.72
N TYR B 250 -1.77 18.52 -16.59
CA TYR B 250 -1.07 19.22 -15.53
C TYR B 250 -1.74 18.94 -14.19
N GLN B 251 -3.07 18.87 -14.17
CA GLN B 251 -3.81 18.58 -12.95
C GLN B 251 -3.50 17.17 -12.45
N LEU B 252 -3.15 16.27 -13.38
CA LEU B 252 -2.84 14.88 -13.03
C LEU B 252 -1.36 14.74 -12.68
N ASN B 253 -0.53 15.68 -13.12
CA ASN B 253 0.91 15.64 -12.89
C ASN B 253 1.38 16.99 -12.38
N PRO B 254 0.88 17.44 -11.21
CA PRO B 254 1.13 18.80 -10.73
C PRO B 254 2.53 19.05 -10.18
N ALA B 255 3.36 18.01 -10.05
CA ALA B 255 4.69 18.17 -9.50
C ALA B 255 5.58 19.02 -10.41
N TYR B 256 5.28 19.00 -11.72
CA TYR B 256 6.13 19.63 -12.72
C TYR B 256 5.79 21.11 -12.86
N LYS B 257 6.64 21.99 -12.34
CA LYS B 257 6.47 23.42 -12.54
C LYS B 257 6.70 23.77 -14.02
N ARG B 258 7.79 23.26 -14.60
CA ARG B 258 8.23 23.69 -15.92
C ARG B 258 7.58 22.83 -17.01
N ARG B 259 6.86 21.77 -16.60
CA ARG B 259 6.12 20.92 -17.52
C ARG B 259 7.09 20.17 -18.44
N VAL B 260 8.37 20.09 -18.06
CA VAL B 260 9.40 19.54 -18.94
C VAL B 260 9.61 18.05 -18.66
N THR B 261 8.99 17.53 -17.60
CA THR B 261 9.30 16.21 -17.07
C THR B 261 10.80 16.17 -16.74
N MET B 262 11.52 15.13 -17.18
CA MET B 262 12.91 14.90 -16.82
C MET B 262 13.05 14.67 -15.30
N ASP B 263 12.19 15.34 -14.52
CA ASP B 263 12.29 15.39 -13.07
C ASP B 263 11.67 14.12 -12.47
N GLN B 266 9.56 9.92 -14.86
CA GLN B 266 9.64 8.56 -15.46
C GLN B 266 8.32 7.79 -15.28
N GLN B 267 7.38 8.33 -14.50
CA GLN B 267 5.99 7.89 -14.50
C GLN B 267 5.07 9.10 -14.71
N LEU B 268 4.03 8.91 -15.54
CA LEU B 268 3.12 9.98 -15.90
C LEU B 268 1.70 9.45 -15.76
N LEU B 269 0.83 10.23 -15.09
CA LEU B 269 -0.57 9.89 -14.94
C LEU B 269 -1.35 10.47 -16.12
N VAL B 270 -2.13 9.62 -16.79
CA VAL B 270 -2.88 10.06 -17.96
C VAL B 270 -4.32 9.58 -17.82
N PRO B 271 -5.31 10.28 -18.43
CA PRO B 271 -6.70 9.84 -18.38
C PRO B 271 -6.85 8.41 -18.91
N MET B 272 -7.74 7.64 -18.28
CA MET B 272 -7.90 6.22 -18.56
C MET B 272 -8.12 5.97 -20.06
N GLU B 273 -8.96 6.80 -20.69
CA GLU B 273 -9.37 6.56 -22.07
C GLU B 273 -8.21 6.72 -23.06
N LYS B 274 -7.10 7.36 -22.65
CA LYS B 274 -5.95 7.52 -23.53
C LYS B 274 -4.77 6.67 -23.06
N ALA B 275 -5.00 5.81 -22.06
CA ALA B 275 -3.91 5.10 -21.39
C ALA B 275 -3.21 4.14 -22.34
N ALA B 276 -4.00 3.33 -23.05
CA ALA B 276 -3.47 2.33 -23.96
C ALA B 276 -2.68 2.99 -25.08
N PHE B 277 -3.24 4.05 -25.67
CA PHE B 277 -2.57 4.75 -26.76
C PHE B 277 -1.21 5.27 -26.28
N LEU B 278 -1.19 5.94 -25.12
CA LEU B 278 0.03 6.56 -24.62
C LEU B 278 1.02 5.50 -24.15
N THR B 279 0.55 4.38 -23.59
CA THR B 279 1.43 3.28 -23.23
C THR B 279 2.19 2.82 -24.47
N ALA B 280 1.47 2.59 -25.58
CA ALA B 280 2.06 2.10 -26.81
C ALA B 280 2.95 3.14 -27.46
N SER B 281 2.57 4.43 -27.37
CA SER B 281 3.29 5.50 -28.04
C SER B 281 4.58 5.85 -27.29
N LEU B 282 4.52 5.90 -25.96
CA LEU B 282 5.63 6.36 -25.14
C LEU B 282 6.44 5.16 -24.62
C1 NAG C . 8.50 -26.57 -0.37
C2 NAG C . 9.06 -27.14 0.94
C3 NAG C . 9.80 -26.07 1.75
C4 NAG C . 8.94 -24.81 1.89
C5 NAG C . 8.17 -24.39 0.60
C6 NAG C . 8.95 -23.56 -0.42
C7 NAG C . 8.09 -28.68 2.57
C8 NAG C . 6.88 -29.01 3.42
N2 NAG C . 7.97 -27.60 1.79
O1 NAG C . 9.53 -26.02 -1.12
O3 NAG C . 10.99 -25.70 1.06
O4 NAG C . 7.90 -25.05 2.89
O5 NAG C . 7.58 -25.51 -0.06
O6 NAG C . 10.29 -23.28 -0.02
O7 NAG C . 9.09 -29.40 2.64
C1 NAG C . 7.27 -23.94 3.44
C2 NAG C . 5.75 -24.14 3.49
C3 NAG C . 5.11 -22.94 4.15
C4 NAG C . 5.72 -22.77 5.53
C5 NAG C . 7.24 -22.61 5.42
C6 NAG C . 8.00 -22.48 6.74
C7 NAG C . 4.69 -25.39 1.64
C8 NAG C . 4.12 -25.35 0.23
N2 NAG C . 5.18 -24.25 2.14
O3 NAG C . 3.70 -23.12 4.24
O4 NAG C . 5.21 -21.57 6.10
O5 NAG C . 7.78 -23.77 4.76
O6 NAG C . 9.37 -22.18 6.54
O7 NAG C . 4.71 -26.46 2.25
C1 NAG D . -16.56 33.84 -1.46
C2 NAG D . -15.77 34.12 -0.18
C3 NAG D . -14.63 33.20 -0.02
C4 NAG D . -14.93 31.77 -0.30
C5 NAG D . -15.77 31.58 -1.56
C6 NAG D . -16.23 30.12 -1.72
C7 NAG D . -15.73 36.53 0.72
C8 NAG D . -15.24 37.99 0.54
N2 NAG D . -15.34 35.53 -0.26
O1 NAG D . -17.69 34.65 -1.50
O3 NAG D . -14.15 33.32 1.29
O4 NAG D . -13.65 31.04 -0.46
O5 NAG D . -16.96 32.44 -1.55
O6 NAG D . -15.40 29.51 -2.68
O7 NAG D . -16.40 36.25 1.65
C1 NAG D . -13.48 29.94 0.48
C2 NAG D . -12.22 29.15 0.11
C3 NAG D . -11.92 28.08 1.10
C4 NAG D . -11.84 28.62 2.49
C5 NAG D . -13.08 29.46 2.85
C6 NAG D . -12.84 30.14 4.19
C7 NAG D . -11.84 29.22 -2.41
C8 NAG D . -12.00 28.62 -3.82
N2 NAG D . -12.37 28.54 -1.21
O3 NAG D . -10.68 27.56 0.75
O4 NAG D . -11.76 27.49 3.45
O5 NAG D . -13.35 30.50 1.84
O6 NAG D . -14.05 30.09 4.88
O7 NAG D . -11.30 30.28 -2.27
C1 NAG D . -10.34 27.14 3.79
C2 NAG D . -10.27 26.57 5.21
C3 NAG D . -8.88 26.34 5.63
C4 NAG D . -8.18 25.43 4.68
C5 NAG D . -8.41 25.82 3.19
C6 NAG D . -7.94 24.69 2.24
C7 NAG D . -12.08 27.04 6.95
C8 NAG D . -12.67 25.62 6.82
N2 NAG D . -10.93 27.49 6.15
O3 NAG D . -8.89 25.81 6.93
O4 NAG D . -6.76 25.55 4.93
O5 NAG D . -9.81 26.12 2.86
O6 NAG D . -7.66 25.28 1.01
O7 NAG D . -12.58 27.81 7.71
C1 NAG D . -6.17 24.29 5.39
C2 NAG D . -4.65 24.36 5.15
C3 NAG D . -3.97 23.16 5.66
C4 NAG D . -4.28 23.00 7.10
C5 NAG D . -5.80 22.95 7.37
C6 NAG D . -6.06 23.00 8.86
C7 NAG D . -4.09 25.70 3.07
C8 NAG D . -3.88 25.71 1.55
N2 NAG D . -4.44 24.44 3.71
O3 NAG D . -2.59 23.31 5.46
O4 NAG D . -3.67 21.81 7.60
O5 NAG D . -6.52 24.08 6.78
O6 NAG D . -7.31 22.41 9.05
O7 NAG D . -3.98 26.69 3.73
C1 BLG E . -0.22 -19.50 9.73
C2 BLG E . -1.19 -18.38 9.50
C3 BLG E . -1.61 -17.75 10.83
C4 BLG E . -1.99 -18.84 11.83
C5 BLG E . -0.88 -19.86 11.95
O5 BLG E . -0.71 -20.45 10.65
O1 BLG E . 0.02 -20.15 8.51
N2 BLG E . -0.60 -17.41 8.61
C7 BLG E . -1.11 -17.13 7.40
O7 BLG E . -2.15 -17.64 7.02
C8 BLG E . -0.35 -16.16 6.57
O3 BLG E . -2.70 -16.86 10.63
O4 BLG E . -2.15 -18.20 13.15
S4 BLG E . -3.59 -18.14 13.79
O41 BLG E . -3.35 -18.69 15.10
O42 BLG E . -4.44 -18.94 12.99
O43 BLG E . -3.96 -16.74 13.80
C6 BLG E . -1.17 -21.01 12.91
O6 BLG E . -2.39 -21.66 12.56
CA BLG E . 1.76 -20.45 6.92
CB BLG E . 1.33 -20.70 8.36
CG BLG E . 1.34 -22.20 8.53
CD BLG E . 2.52 -22.64 7.66
N BLG E . 2.56 -21.66 6.53
C9 BLG E . 2.52 -19.15 6.71
O9 BLG E . 3.79 -19.17 7.36
C10 BLG E . 2.31 -24.04 7.14
O10 BLG E . 1.42 -24.29 6.34
N3 BLG E . 3.12 -24.97 7.66
C11 BLG E . 2.97 -26.39 7.38
C12 BLG E . 4.08 -26.95 6.55
S BLG E . 3.88 -28.69 6.23
OS1 BLG E . 5.21 -29.20 6.09
OS2 BLG E . 3.01 -29.21 7.25
OS3 BLG E . 3.08 -28.71 4.90
ZN ZN F . 1.41 0.02 11.86
ZN ZN G . 10.00 8.11 8.09
ZN ZN H . -7.85 -8.04 10.22
ZN ZN I . 17.85 4.51 -1.45
ZN ZN J . 8.60 -0.50 12.51
ZN ZN K . 3.29 -10.07 29.68
C1 BLG L . 2.44 19.73 9.78
C2 BLG L . 3.36 18.61 9.34
C3 BLG L . 4.06 17.98 10.55
C4 BLG L . 4.68 19.08 11.41
C5 BLG L . 3.62 20.09 11.80
O5 BLG L . 3.11 20.68 10.59
O1 BLG L . 1.92 20.33 8.62
N2 BLG L . 2.61 17.64 8.57
C7 BLG L . 2.85 17.38 7.28
O7 BLG L . 3.75 17.95 6.67
C8 BLG L . 1.99 16.34 6.64
O3 BLG L . 5.05 17.07 10.10
O4 BLG L . 5.20 18.45 12.65
S4 BLG L . 6.76 18.45 12.94
O41 BLG L . 7.40 19.24 11.91
O42 BLG L . 7.15 17.06 12.92
O43 BLG L . 6.84 19.05 14.26
C6 BLG L . 4.11 21.21 12.68
O6 BLG L . 5.17 21.91 12.06
CA BLG L . -0.16 20.77 7.49
CB BLG L . 0.65 20.93 8.77
CG BLG L . 0.78 22.43 8.95
CD BLG L . -0.60 22.93 8.54
N BLG L . -1.05 21.99 7.45
C9 BLG L . -0.97 19.49 7.42
O9 BLG L . -1.95 19.45 8.45
C10 BLG L . -0.54 24.36 8.01
O10 BLG L . -0.04 24.60 6.92
N3 BLG L . -1.01 25.29 8.84
C11 BLG L . -0.89 26.72 8.59
C12 BLG L . -2.05 27.28 7.83
S BLG L . -1.93 29.03 7.59
OS1 BLG L . -1.58 29.23 6.21
OS2 BLG L . -3.16 29.58 8.09
OS3 BLG L . -0.75 29.47 8.49
ZN ZN M . -15.23 -3.69 1.13
ZN ZN N . -5.46 0.62 14.15
ZN ZN O . -7.85 23.80 -20.97
#